data_2REF
#
_entry.id   2REF
#
_cell.length_a   91.886
_cell.length_b   91.886
_cell.length_c   139.486
_cell.angle_alpha   90.000
_cell.angle_beta   90.000
_cell.angle_gamma   120.000
#
_symmetry.space_group_name_H-M   'P 31 2 1'
#
loop_
_entity.id
_entity.type
_entity.pdbx_description
1 polymer CurA
2 non-polymer 'ACETYL COENZYME *A'
3 water water
#
_entity_poly.entity_id   1
_entity_poly.type   'polypeptide(L)'
_entity_poly.pdbx_seq_one_letter_code
;SNASLNCFENNYYNLRHPKIEDLRDLIALETLCWSENLQVDNEEIYRRIFKIPQGQFILELEDKIVGAIYSQRIDNPQLL
DNKTCTQVPLLHTESGVVVQLLAVNILPELQNQGLGDRLLEFMLQYCAQISGVEKVVAVTLCRNYPDYSPMPMAEYIHQK
NESGLLVDPLLRFHQIHGAKIEKLLPGYRPKDWENQTCGVLVSYDIQHRQRFDGATVEKNRQTK
;
_entity_poly.pdbx_strand_id   A,B
#
# COMPACT_ATOMS: atom_id res chain seq x y z
N CYS A 7 -3.91 13.92 -10.27
CA CYS A 7 -4.58 13.16 -11.36
C CYS A 7 -4.03 11.75 -11.50
N PHE A 8 -4.84 10.89 -12.13
CA PHE A 8 -4.42 9.56 -12.53
C PHE A 8 -3.44 9.65 -13.69
N GLU A 9 -2.16 9.50 -13.36
CA GLU A 9 -1.05 9.42 -14.32
C GLU A 9 -1.46 9.27 -15.81
N ASN A 10 -1.93 8.08 -16.18
CA ASN A 10 -2.15 7.67 -17.58
C ASN A 10 -0.85 7.58 -18.40
N ASN A 11 0.13 6.88 -17.84
CA ASN A 11 1.43 6.69 -18.47
C ASN A 11 1.63 5.27 -18.96
N TYR A 12 2.21 5.13 -20.15
CA TYR A 12 2.43 3.82 -20.77
C TYR A 12 3.63 3.07 -20.16
N TYR A 13 3.35 2.19 -19.20
CA TYR A 13 4.39 1.38 -18.55
C TYR A 13 4.52 -0.02 -19.15
N ASN A 14 5.77 -0.45 -19.33
CA ASN A 14 6.05 -1.81 -19.78
C ASN A 14 6.96 -2.56 -18.81
N LEU A 15 6.61 -3.82 -18.56
CA LEU A 15 7.37 -4.67 -17.64
C LEU A 15 7.84 -5.93 -18.36
N ARG A 16 9.15 -6.11 -18.42
CA ARG A 16 9.74 -7.24 -19.14
C ARG A 16 11.03 -7.67 -18.46
N HIS A 17 11.51 -8.86 -18.84
CA HIS A 17 12.82 -9.31 -18.41
C HIS A 17 13.91 -8.51 -19.11
N PRO A 18 15.01 -8.25 -18.40
CA PRO A 18 16.13 -7.53 -19.00
C PRO A 18 16.81 -8.33 -20.10
N LYS A 19 17.47 -7.61 -20.99
CA LYS A 19 18.33 -8.21 -22.00
C LYS A 19 19.68 -7.51 -21.87
N ILE A 20 20.71 -8.07 -22.51
CA ILE A 20 22.05 -7.52 -22.40
C ILE A 20 22.15 -6.03 -22.80
N GLU A 21 21.38 -5.64 -23.81
CA GLU A 21 21.35 -4.24 -24.28
C GLU A 21 20.96 -3.23 -23.20
N ASP A 22 20.28 -3.69 -22.15
CA ASP A 22 19.81 -2.82 -21.07
C ASP A 22 20.90 -2.49 -20.06
N LEU A 23 22.08 -3.08 -20.23
CA LEU A 23 23.15 -2.97 -19.24
C LEU A 23 23.47 -1.54 -18.85
N ARG A 24 23.70 -0.68 -19.85
CA ARG A 24 24.13 0.68 -19.61
C ARG A 24 23.07 1.50 -18.89
N ASP A 25 21.80 1.32 -19.28
CA ASP A 25 20.68 1.99 -18.64
C ASP A 25 20.44 1.54 -17.21
N LEU A 26 20.69 0.27 -16.93
CA LEU A 26 20.55 -0.24 -15.57
C LEU A 26 21.65 0.25 -14.64
N ILE A 27 22.85 0.43 -15.20
CA ILE A 27 23.96 0.99 -14.44
C ILE A 27 23.67 2.45 -14.11
N ALA A 28 23.16 3.18 -15.09
CA ALA A 28 22.74 4.57 -14.90
C ALA A 28 21.70 4.67 -13.78
N LEU A 29 20.74 3.74 -13.80
CA LEU A 29 19.66 3.70 -12.84
C LEU A 29 20.18 3.47 -11.42
N GLU A 30 21.23 2.65 -11.31
CA GLU A 30 21.84 2.38 -10.02
C GLU A 30 22.43 3.64 -9.42
N THR A 31 23.12 4.43 -10.25
CA THR A 31 23.73 5.68 -9.84
C THR A 31 22.69 6.66 -9.32
N LEU A 32 21.57 6.78 -10.02
CA LEU A 32 20.56 7.78 -9.64
C LEU A 32 19.77 7.40 -8.38
N CYS A 33 19.68 6.11 -8.09
CA CYS A 33 18.84 5.63 -6.98
C CYS A 33 19.56 5.48 -5.66
N TRP A 34 20.87 5.33 -5.69
CA TRP A 34 21.65 5.02 -4.50
C TRP A 34 22.91 5.83 -4.43
N SER A 35 23.28 6.21 -3.20
CA SER A 35 24.56 6.86 -2.98
C SER A 35 25.70 5.92 -3.39
N GLU A 36 26.89 6.46 -3.60
CA GLU A 36 28.06 5.68 -4.01
C GLU A 36 28.37 4.48 -3.08
N ASN A 37 28.11 4.65 -1.78
CA ASN A 37 28.32 3.60 -0.79
C ASN A 37 27.35 2.42 -0.86
N LEU A 38 26.27 2.59 -1.59
CA LEU A 38 25.20 1.60 -1.58
C LEU A 38 24.94 0.99 -2.94
N GLN A 39 25.59 1.53 -3.97
CA GLN A 39 25.48 1.00 -5.33
C GLN A 39 26.19 -0.35 -5.45
N VAL A 40 25.59 -1.27 -6.21
CA VAL A 40 26.33 -2.49 -6.59
C VAL A 40 27.13 -2.16 -7.83
N ASP A 41 28.20 -2.90 -8.08
CA ASP A 41 29.08 -2.57 -9.20
C ASP A 41 28.58 -3.09 -10.54
N ASN A 42 29.18 -2.58 -11.61
CA ASN A 42 28.78 -2.91 -12.97
C ASN A 42 28.70 -4.40 -13.20
N GLU A 43 29.66 -5.15 -12.65
CA GLU A 43 29.74 -6.59 -12.87
C GLU A 43 28.59 -7.38 -12.24
N GLU A 44 28.10 -6.90 -11.11
CA GLU A 44 26.98 -7.54 -10.43
C GLU A 44 25.68 -7.34 -11.21
N ILE A 45 25.53 -6.18 -11.82
CA ILE A 45 24.38 -5.92 -12.68
C ILE A 45 24.44 -6.87 -13.87
N TYR A 46 25.63 -6.96 -14.46
CA TYR A 46 25.86 -7.86 -15.58
C TYR A 46 25.55 -9.30 -15.21
N ARG A 47 26.02 -9.77 -14.05
CA ARG A 47 25.76 -11.13 -13.62
C ARG A 47 24.26 -11.39 -13.57
N ARG A 48 23.54 -10.48 -12.94
CA ARG A 48 22.09 -10.62 -12.76
C ARG A 48 21.36 -10.77 -14.09
N ILE A 49 21.66 -9.91 -15.06
CA ILE A 49 20.98 -9.97 -16.35
C ILE A 49 21.54 -11.02 -17.32
N PHE A 50 22.78 -11.48 -17.09
CA PHE A 50 23.35 -12.51 -17.94
C PHE A 50 23.04 -13.91 -17.45
N LYS A 51 23.35 -14.19 -16.18
CA LYS A 51 23.19 -15.53 -15.64
C LYS A 51 21.73 -15.87 -15.34
N ILE A 52 20.98 -14.90 -14.81
CA ILE A 52 19.61 -15.13 -14.36
C ILE A 52 18.61 -14.09 -14.91
N PRO A 53 18.46 -13.99 -16.25
CA PRO A 53 17.42 -13.03 -16.70
C PRO A 53 16.01 -13.25 -16.13
N GLN A 54 15.63 -14.52 -15.89
CA GLN A 54 14.29 -14.89 -15.39
C GLN A 54 13.89 -14.26 -14.06
N GLY A 55 14.88 -13.91 -13.25
CA GLY A 55 14.62 -13.39 -11.92
C GLY A 55 14.77 -11.90 -11.79
N GLN A 56 14.74 -11.20 -12.92
CA GLN A 56 14.82 -9.74 -12.90
C GLN A 56 13.68 -9.14 -13.73
N PHE A 57 13.28 -7.92 -13.38
CA PHE A 57 12.31 -7.18 -14.18
C PHE A 57 12.69 -5.72 -14.38
N ILE A 58 12.53 -5.26 -15.61
CA ILE A 58 12.79 -3.88 -15.98
C ILE A 58 11.45 -3.17 -16.14
N LEU A 59 11.37 -1.95 -15.61
CA LEU A 59 10.21 -1.09 -15.83
C LEU A 59 10.56 0.03 -16.80
N GLU A 60 9.79 0.11 -17.88
CA GLU A 60 10.01 1.13 -18.90
C GLU A 60 8.84 2.11 -18.98
N LEU A 61 9.17 3.39 -19.12
CA LEU A 61 8.20 4.42 -19.46
C LEU A 61 8.62 5.01 -20.80
N GLU A 62 7.78 4.82 -21.82
CA GLU A 62 8.16 5.07 -23.22
C GLU A 62 9.34 4.14 -23.56
N ASP A 63 10.38 4.70 -24.18
CA ASP A 63 11.62 3.97 -24.43
C ASP A 63 12.41 3.74 -23.13
N LYS A 64 12.25 4.65 -22.17
CA LYS A 64 13.16 4.83 -21.02
C LYS A 64 13.00 3.78 -19.92
N ILE A 65 14.13 3.34 -19.35
CA ILE A 65 14.10 2.47 -18.17
C ILE A 65 14.03 3.33 -16.90
N VAL A 66 12.99 3.12 -16.10
CA VAL A 66 12.70 3.99 -14.96
C VAL A 66 12.67 3.21 -13.66
N GLY A 67 12.69 1.89 -13.77
CA GLY A 67 12.63 1.02 -12.59
C GLY A 67 13.12 -0.40 -12.83
N ALA A 68 13.57 -1.04 -11.77
CA ALA A 68 14.05 -2.40 -11.85
C ALA A 68 13.93 -3.13 -10.52
N ILE A 69 13.61 -4.43 -10.60
CA ILE A 69 13.59 -5.28 -9.41
C ILE A 69 14.43 -6.53 -9.68
N TYR A 70 15.32 -6.83 -8.73
CA TYR A 70 16.32 -7.88 -8.93
C TYR A 70 16.16 -9.00 -7.91
N SER A 71 16.51 -10.22 -8.31
CA SER A 71 16.46 -11.38 -7.41
C SER A 71 17.45 -12.47 -7.79
N GLN A 72 17.69 -13.40 -6.86
CA GLN A 72 18.42 -14.63 -7.10
C GLN A 72 17.87 -15.74 -6.20
N ARG A 73 18.30 -16.98 -6.44
CA ARG A 73 17.84 -18.12 -5.66
C ARG A 73 18.94 -18.72 -4.79
N ILE A 74 18.61 -18.92 -3.52
CA ILE A 74 19.53 -19.50 -2.55
C ILE A 74 18.86 -20.68 -1.85
N ASP A 75 19.62 -21.43 -1.05
CA ASP A 75 19.07 -22.63 -0.37
C ASP A 75 18.26 -22.35 0.90
N ASN A 76 18.70 -21.37 1.69
CA ASN A 76 17.99 -20.98 2.93
C ASN A 76 18.56 -19.68 3.46
N PRO A 77 17.77 -18.96 4.29
CA PRO A 77 18.18 -17.63 4.76
C PRO A 77 19.31 -17.67 5.79
N GLN A 78 19.61 -18.85 6.34
CA GLN A 78 20.71 -18.99 7.31
C GLN A 78 22.07 -18.68 6.66
N LEU A 79 22.20 -18.99 5.38
CA LEU A 79 23.44 -18.74 4.64
C LEU A 79 23.83 -17.26 4.61
N LEU A 80 22.89 -16.39 4.98
CA LEU A 80 23.14 -14.94 4.99
C LEU A 80 23.81 -14.43 6.28
N ASP A 81 23.80 -15.26 7.31
CA ASP A 81 24.50 -14.95 8.56
C ASP A 81 25.99 -14.73 8.31
N ASN A 82 26.52 -13.61 8.79
CA ASN A 82 27.95 -13.30 8.75
C ASN A 82 28.51 -13.09 7.34
N LYS A 83 27.64 -12.72 6.40
CA LYS A 83 28.08 -12.45 5.03
C LYS A 83 27.99 -10.97 4.73
N THR A 84 28.91 -10.48 3.92
CA THR A 84 28.80 -9.12 3.40
C THR A 84 28.08 -9.20 2.06
N CYS A 85 27.55 -8.07 1.61
CA CYS A 85 26.76 -8.01 0.38
C CYS A 85 27.56 -8.36 -0.88
N THR A 86 28.87 -8.16 -0.85
CA THR A 86 29.68 -8.51 -1.99
C THR A 86 29.90 -10.03 -2.06
N GLN A 87 29.55 -10.74 -0.98
CA GLN A 87 29.59 -12.20 -0.97
C GLN A 87 28.31 -12.82 -1.50
N VAL A 88 27.18 -12.13 -1.34
CA VAL A 88 25.89 -12.79 -1.63
C VAL A 88 25.76 -13.40 -3.04
N PRO A 89 26.30 -12.72 -4.09
CA PRO A 89 26.24 -13.34 -5.41
C PRO A 89 26.76 -14.78 -5.45
N LEU A 90 27.67 -15.13 -4.53
CA LEU A 90 28.23 -16.47 -4.49
C LEU A 90 27.27 -17.52 -3.96
N LEU A 91 26.17 -17.08 -3.36
CA LEU A 91 25.23 -17.99 -2.73
C LEU A 91 24.20 -18.52 -3.73
N HIS A 92 24.14 -17.93 -4.91
CA HIS A 92 23.18 -18.34 -5.90
C HIS A 92 23.32 -19.79 -6.37
N THR A 93 22.20 -20.52 -6.31
CA THR A 93 22.09 -21.84 -6.91
CA THR A 93 22.08 -21.85 -6.90
C THR A 93 20.82 -21.88 -7.77
N GLU A 94 20.91 -22.57 -8.91
CA GLU A 94 19.80 -22.66 -9.87
CA GLU A 94 19.79 -22.60 -9.85
C GLU A 94 18.53 -23.28 -9.28
N SER A 95 18.72 -24.22 -8.35
CA SER A 95 17.61 -24.96 -7.74
C SER A 95 17.24 -24.51 -6.33
N GLY A 96 17.78 -23.37 -5.90
CA GLY A 96 17.48 -22.83 -4.57
C GLY A 96 16.00 -22.66 -4.30
N VAL A 97 15.55 -23.14 -3.14
CA VAL A 97 14.13 -23.07 -2.77
C VAL A 97 13.70 -21.70 -2.27
N VAL A 98 14.66 -20.82 -1.99
CA VAL A 98 14.39 -19.49 -1.44
C VAL A 98 14.73 -18.41 -2.44
N VAL A 99 13.79 -17.51 -2.72
CA VAL A 99 14.07 -16.38 -3.59
C VAL A 99 14.56 -15.23 -2.74
N GLN A 100 15.76 -14.75 -3.03
CA GLN A 100 16.27 -13.58 -2.35
C GLN A 100 16.10 -12.38 -3.27
N LEU A 101 15.22 -11.47 -2.89
CA LEU A 101 15.09 -10.22 -3.62
C LEU A 101 16.30 -9.38 -3.23
N LEU A 102 17.04 -8.92 -4.24
CA LEU A 102 18.32 -8.26 -4.03
C LEU A 102 18.21 -6.75 -3.99
N ALA A 103 17.32 -6.18 -4.80
CA ALA A 103 17.16 -4.72 -4.87
C ALA A 103 15.90 -4.29 -5.61
N VAL A 104 15.41 -3.10 -5.25
CA VAL A 104 14.31 -2.42 -5.96
C VAL A 104 14.75 -1.00 -6.31
N ASN A 105 14.70 -0.66 -7.60
CA ASN A 105 15.14 0.64 -8.05
C ASN A 105 14.02 1.40 -8.75
N ILE A 106 13.66 2.56 -8.20
CA ILE A 106 12.72 3.46 -8.85
C ILE A 106 13.36 4.83 -9.00
N LEU A 107 13.36 5.35 -10.23
CA LEU A 107 13.95 6.66 -10.51
C LEU A 107 13.37 7.68 -9.55
N PRO A 108 14.24 8.37 -8.78
CA PRO A 108 13.84 9.34 -7.75
C PRO A 108 12.71 10.31 -8.15
N GLU A 109 12.76 10.85 -9.36
CA GLU A 109 11.70 11.76 -9.81
C GLU A 109 10.32 11.08 -9.92
N LEU A 110 10.32 9.76 -10.03
CA LEU A 110 9.07 9.01 -10.21
C LEU A 110 8.65 8.22 -8.97
N GLN A 111 9.30 8.51 -7.85
CA GLN A 111 8.97 7.88 -6.59
C GLN A 111 7.70 8.49 -5.99
N ASN A 112 7.14 7.81 -4.99
CA ASN A 112 5.91 8.23 -4.32
C ASN A 112 4.71 8.37 -5.28
N GLN A 113 4.62 7.43 -6.21
CA GLN A 113 3.53 7.39 -7.20
C GLN A 113 2.92 5.98 -7.27
N GLY A 114 3.42 5.08 -6.44
CA GLY A 114 2.91 3.72 -6.38
C GLY A 114 3.68 2.72 -7.23
N LEU A 115 4.83 3.14 -7.75
CA LEU A 115 5.62 2.25 -8.61
C LEU A 115 6.36 1.16 -7.82
N GLY A 116 7.04 1.54 -6.75
CA GLY A 116 7.64 0.56 -5.84
C GLY A 116 6.63 -0.52 -5.47
N ASP A 117 5.50 -0.07 -4.92
CA ASP A 117 4.36 -0.92 -4.57
C ASP A 117 4.00 -1.90 -5.68
N ARG A 118 3.65 -1.38 -6.86
CA ARG A 118 3.17 -2.21 -7.96
C ARG A 118 4.23 -3.23 -8.38
N LEU A 119 5.46 -2.78 -8.44
CA LEU A 119 6.60 -3.61 -8.85
C LEU A 119 6.85 -4.77 -7.88
N LEU A 120 6.84 -4.48 -6.58
CA LEU A 120 7.03 -5.50 -5.56
C LEU A 120 5.91 -6.54 -5.58
N GLU A 121 4.65 -6.09 -5.66
CA GLU A 121 3.51 -6.99 -5.71
C GLU A 121 3.58 -7.95 -6.87
N PHE A 122 3.99 -7.45 -8.04
CA PHE A 122 4.19 -8.29 -9.20
C PHE A 122 5.28 -9.34 -8.97
N MET A 123 6.42 -8.90 -8.45
CA MET A 123 7.52 -9.80 -8.14
C MET A 123 7.06 -10.93 -7.20
N LEU A 124 6.39 -10.56 -6.11
CA LEU A 124 5.88 -11.51 -5.12
C LEU A 124 4.95 -12.57 -5.73
N GLN A 125 4.00 -12.13 -6.55
CA GLN A 125 3.11 -13.05 -7.25
C GLN A 125 3.83 -13.86 -8.33
N TYR A 126 4.84 -13.25 -8.95
CA TYR A 126 5.64 -13.96 -9.92
C TYR A 126 6.42 -15.10 -9.27
N CYS A 127 6.99 -14.84 -8.09
CA CYS A 127 7.77 -15.83 -7.35
C CYS A 127 6.94 -16.99 -6.81
N ALA A 128 5.70 -16.68 -6.41
CA ALA A 128 4.79 -17.72 -5.95
C ALA A 128 4.61 -18.79 -7.02
N GLN A 129 4.57 -18.39 -8.29
CA GLN A 129 4.29 -19.31 -9.37
C GLN A 129 5.51 -20.05 -9.91
N ILE A 130 6.70 -19.69 -9.42
CA ILE A 130 7.92 -20.42 -9.79
C ILE A 130 7.96 -21.75 -9.05
N SER A 131 8.12 -22.83 -9.82
CA SER A 131 8.13 -24.19 -9.25
C SER A 131 9.36 -24.44 -8.37
N GLY A 132 9.14 -24.98 -7.17
CA GLY A 132 10.21 -25.31 -6.25
C GLY A 132 10.39 -24.29 -5.17
N VAL A 133 9.99 -23.05 -5.45
CA VAL A 133 10.15 -21.94 -4.51
C VAL A 133 9.19 -22.05 -3.32
N GLU A 134 9.74 -21.99 -2.11
CA GLU A 134 8.96 -22.12 -0.88
C GLU A 134 8.84 -20.82 -0.10
N LYS A 135 9.76 -19.89 -0.31
CA LYS A 135 9.94 -18.75 0.58
C LYS A 135 10.63 -17.59 -0.15
N VAL A 136 10.27 -16.36 0.19
CA VAL A 136 10.94 -15.18 -0.37
C VAL A 136 11.51 -14.34 0.76
N VAL A 137 12.80 -14.01 0.67
CA VAL A 137 13.46 -13.16 1.68
C VAL A 137 14.14 -11.97 1.02
N ALA A 138 14.29 -10.88 1.76
CA ALA A 138 15.05 -9.73 1.29
C ALA A 138 15.86 -9.19 2.44
N VAL A 139 17.06 -8.72 2.12
CA VAL A 139 17.85 -8.00 3.10
C VAL A 139 17.72 -6.51 2.80
N THR A 140 17.02 -5.80 3.67
CA THR A 140 16.83 -4.38 3.46
C THR A 140 17.73 -3.51 4.36
N LEU A 141 17.35 -2.25 4.56
CA LEU A 141 18.12 -1.31 5.36
C LEU A 141 17.17 -0.21 5.79
N CYS A 142 17.55 0.55 6.81
CA CYS A 142 16.76 1.67 7.27
C CYS A 142 17.17 2.97 6.56
N ARG A 143 16.27 3.95 6.51
CA ARG A 143 16.58 5.27 5.95
C ARG A 143 16.75 6.37 7.01
N ASN A 144 16.09 6.22 8.14
CA ASN A 144 16.01 7.30 9.13
C ASN A 144 16.68 7.01 10.47
N TYR A 145 17.49 5.96 10.55
CA TYR A 145 18.12 5.60 11.83
C TYR A 145 18.96 6.70 12.50
N PRO A 146 19.74 7.49 11.71
CA PRO A 146 20.49 8.60 12.33
C PRO A 146 19.65 9.55 13.20
N ASP A 147 18.34 9.57 12.98
CA ASP A 147 17.43 10.38 13.77
C ASP A 147 17.07 9.74 15.11
N TYR A 148 17.30 8.43 15.22
CA TYR A 148 16.95 7.70 16.44
C TYR A 148 18.19 7.25 17.22
N SER A 149 19.36 7.36 16.60
CA SER A 149 20.62 7.06 17.25
C SER A 149 20.77 7.91 18.52
N PRO A 150 21.28 7.32 19.62
CA PRO A 150 21.83 5.98 19.73
C PRO A 150 20.86 4.93 20.26
N MET A 151 19.58 5.04 19.94
CA MET A 151 18.66 3.95 20.24
C MET A 151 19.17 2.69 19.53
N PRO A 152 19.25 1.55 20.25
CA PRO A 152 19.69 0.29 19.63
C PRO A 152 18.85 -0.08 18.40
N MET A 153 19.50 -0.49 17.31
CA MET A 153 18.77 -0.82 16.07
CA MET A 153 18.80 -0.84 16.08
C MET A 153 17.82 -2.01 16.24
N ALA A 154 18.18 -2.96 17.09
CA ALA A 154 17.30 -4.10 17.34
C ALA A 154 15.92 -3.67 17.86
N GLU A 155 15.89 -2.55 18.59
CA GLU A 155 14.64 -1.98 19.07
CA GLU A 155 14.64 -1.96 19.08
C GLU A 155 14.02 -1.06 18.02
N TYR A 156 14.86 -0.32 17.31
CA TYR A 156 14.40 0.61 16.27
C TYR A 156 13.60 -0.05 15.16
N ILE A 157 14.06 -1.22 14.69
CA ILE A 157 13.40 -1.92 13.59
C ILE A 157 12.03 -2.53 13.96
N HIS A 158 11.59 -2.35 15.21
CA HIS A 158 10.25 -2.79 15.62
C HIS A 158 9.37 -1.65 16.11
N GLN A 159 9.93 -0.44 16.05
CA GLN A 159 9.27 0.78 16.47
C GLN A 159 8.10 1.10 15.52
N LYS A 160 6.89 1.04 16.06
CA LYS A 160 5.67 1.32 15.29
C LYS A 160 5.10 2.70 15.61
N ASN A 161 4.38 3.30 14.66
CA ASN A 161 3.66 4.51 14.98
C ASN A 161 2.20 4.26 15.40
N GLU A 162 1.24 4.93 14.76
CA GLU A 162 -0.04 5.19 15.43
C GLU A 162 -1.09 4.08 15.75
N SER A 163 -1.82 3.47 14.80
CA SER A 163 -1.54 3.16 13.38
C SER A 163 -0.80 1.83 13.24
N GLY A 164 0.20 1.60 14.09
CA GLY A 164 0.88 0.31 14.17
C GLY A 164 1.75 -0.08 12.98
N LEU A 165 2.10 0.90 12.15
CA LEU A 165 3.01 0.72 11.04
C LEU A 165 4.40 1.16 11.47
N LEU A 166 5.43 0.53 10.90
CA LEU A 166 6.82 0.82 11.28
C LEU A 166 7.27 2.26 10.96
N VAL A 167 8.01 2.88 11.87
CA VAL A 167 8.41 4.29 11.71
C VAL A 167 9.42 4.51 10.57
N ASP A 168 10.28 3.53 10.32
CA ASP A 168 11.20 3.66 9.20
C ASP A 168 10.51 3.38 7.87
N PRO A 169 10.55 4.36 6.94
CA PRO A 169 9.82 4.23 5.69
C PRO A 169 10.27 3.08 4.79
N LEU A 170 11.55 2.68 4.86
CA LEU A 170 11.99 1.53 4.06
C LEU A 170 11.48 0.19 4.62
N LEU A 171 11.37 0.08 5.95
CA LEU A 171 10.80 -1.11 6.58
C LEU A 171 9.29 -1.18 6.38
N ARG A 172 8.61 -0.04 6.59
CA ARG A 172 7.16 0.07 6.35
C ARG A 172 6.80 -0.46 4.97
N PHE A 173 7.63 -0.12 3.99
CA PHE A 173 7.39 -0.51 2.62
C PHE A 173 7.28 -2.03 2.47
N HIS A 174 8.13 -2.75 3.18
CA HIS A 174 8.02 -4.20 3.19
C HIS A 174 6.83 -4.63 4.04
N GLN A 175 6.70 -4.04 5.23
CA GLN A 175 5.62 -4.40 6.14
C GLN A 175 4.26 -4.42 5.46
N ILE A 176 3.94 -3.36 4.71
CA ILE A 176 2.58 -3.22 4.19
C ILE A 176 2.31 -4.13 2.99
N HIS A 177 3.34 -4.89 2.59
CA HIS A 177 3.18 -5.94 1.58
C HIS A 177 3.23 -7.33 2.20
N GLY A 178 3.19 -7.38 3.53
CA GLY A 178 3.13 -8.64 4.25
C GLY A 178 4.48 -9.16 4.73
N ALA A 179 5.49 -8.30 4.76
CA ALA A 179 6.80 -8.74 5.23
C ALA A 179 6.87 -8.84 6.76
N LYS A 180 7.56 -9.88 7.22
CA LYS A 180 7.90 -10.05 8.62
C LYS A 180 9.36 -9.61 8.81
N ILE A 181 9.60 -8.70 9.75
CA ILE A 181 10.98 -8.32 10.11
C ILE A 181 11.60 -9.46 10.91
N GLU A 182 12.63 -10.08 10.37
CA GLU A 182 13.20 -11.27 11.01
C GLU A 182 14.24 -10.93 12.06
N LYS A 183 15.29 -10.21 11.67
CA LYS A 183 16.43 -9.90 12.54
C LYS A 183 17.39 -8.95 11.83
N LEU A 184 18.41 -8.50 12.57
CA LEU A 184 19.46 -7.67 12.00
C LEU A 184 20.52 -8.54 11.37
N LEU A 185 21.18 -8.02 10.33
CA LEU A 185 22.36 -8.67 9.78
C LEU A 185 23.56 -7.72 9.84
N PRO A 186 24.28 -7.71 10.99
CA PRO A 186 25.45 -6.86 11.15
C PRO A 186 26.54 -7.13 10.11
N GLY A 187 27.17 -6.08 9.64
CA GLY A 187 28.28 -6.20 8.71
C GLY A 187 27.89 -6.58 7.30
N TYR A 188 26.58 -6.67 7.04
CA TYR A 188 26.09 -6.96 5.69
C TYR A 188 26.53 -5.88 4.70
N ARG A 189 26.42 -4.62 5.11
CA ARG A 189 26.89 -3.53 4.27
C ARG A 189 28.03 -2.74 4.92
N PRO A 190 29.27 -3.23 4.79
CA PRO A 190 30.43 -2.56 5.39
C PRO A 190 30.50 -1.03 5.20
N LYS A 191 30.16 -0.53 4.02
CA LYS A 191 30.31 0.89 3.72
C LYS A 191 29.12 1.77 4.17
N ASP A 192 28.13 1.17 4.83
CA ASP A 192 26.91 1.86 5.26
C ASP A 192 26.93 2.36 6.72
N TRP A 193 27.68 3.43 6.96
CA TRP A 193 27.94 3.92 8.31
C TRP A 193 26.70 4.44 9.04
N GLU A 194 25.75 4.98 8.27
CA GLU A 194 24.48 5.47 8.84
C GLU A 194 23.67 4.35 9.48
N ASN A 195 23.83 3.13 8.97
CA ASN A 195 23.14 1.98 9.54
C ASN A 195 24.08 1.10 10.35
N GLN A 196 25.23 1.67 10.73
CA GLN A 196 26.27 0.93 11.45
C GLN A 196 26.54 -0.41 10.76
N THR A 197 26.58 -0.36 9.42
CA THR A 197 26.79 -1.51 8.51
C THR A 197 25.68 -2.57 8.49
N CYS A 198 24.68 -2.42 9.35
CA CYS A 198 23.66 -3.46 9.55
CA CYS A 198 23.68 -3.46 9.53
C CYS A 198 22.60 -3.52 8.45
N GLY A 199 22.32 -4.74 7.98
CA GLY A 199 21.18 -4.96 7.08
C GLY A 199 20.02 -5.48 7.92
N VAL A 200 18.83 -5.51 7.34
CA VAL A 200 17.65 -6.04 8.04
C VAL A 200 17.01 -7.16 7.22
N LEU A 201 16.91 -8.35 7.79
CA LEU A 201 16.34 -9.48 7.07
C LEU A 201 14.83 -9.53 7.22
N VAL A 202 14.13 -9.53 6.10
CA VAL A 202 12.68 -9.65 6.09
C VAL A 202 12.25 -10.85 5.26
N SER A 203 11.12 -11.47 5.60
CA SER A 203 10.63 -12.61 4.84
C SER A 203 9.16 -12.46 4.45
N TYR A 204 8.77 -13.18 3.40
CA TYR A 204 7.40 -13.15 2.92
C TYR A 204 6.84 -14.55 2.88
N ASP A 205 5.68 -14.72 3.51
CA ASP A 205 4.92 -15.96 3.44
C ASP A 205 4.21 -15.97 2.09
N ILE A 206 4.51 -16.95 1.25
CA ILE A 206 3.92 -16.99 -0.08
C ILE A 206 2.95 -18.16 -0.28
N GLN A 207 2.65 -18.87 0.80
CA GLN A 207 1.80 -20.07 0.76
C GLN A 207 0.37 -19.81 0.27
N HIS A 208 -0.10 -18.57 0.41
CA HIS A 208 -1.48 -18.20 0.05
C HIS A 208 -1.65 -17.74 -1.41
N ARG A 209 -0.60 -17.13 -1.96
CA ARG A 209 -0.65 -16.54 -3.31
C ARG A 209 -0.87 -17.58 -4.42
N CYS B 7 -0.59 -8.10 -14.76
CA CYS B 7 0.65 -7.31 -14.47
C CYS B 7 0.45 -5.80 -14.63
N PHE B 8 1.21 -5.18 -15.53
CA PHE B 8 1.11 -3.73 -15.73
C PHE B 8 0.06 -3.32 -16.74
N GLU B 9 -1.18 -3.31 -16.24
CA GLU B 9 -2.32 -2.74 -16.93
C GLU B 9 -1.96 -1.46 -17.67
N ASN B 10 -2.34 -1.37 -18.94
CA ASN B 10 -2.24 -0.12 -19.68
C ASN B 10 -3.61 0.46 -19.96
N ASN B 11 -4.28 0.84 -18.89
CA ASN B 11 -5.66 1.34 -18.93
C ASN B 11 -5.74 2.85 -18.81
N TYR B 12 -6.60 3.44 -19.64
CA TYR B 12 -6.85 4.88 -19.60
C TYR B 12 -7.93 5.15 -18.55
N TYR B 13 -7.54 5.83 -17.48
CA TYR B 13 -8.47 6.24 -16.44
C TYR B 13 -8.63 7.75 -16.41
N ASN B 14 -9.87 8.20 -16.27
CA ASN B 14 -10.15 9.61 -16.05
C ASN B 14 -10.77 9.82 -14.67
N LEU B 15 -10.42 10.92 -14.05
CA LEU B 15 -10.96 11.27 -12.74
C LEU B 15 -11.52 12.68 -12.78
N ARG B 16 -12.82 12.79 -12.54
CA ARG B 16 -13.53 14.07 -12.63
C ARG B 16 -14.62 14.16 -11.58
N HIS B 17 -15.07 15.39 -11.31
CA HIS B 17 -16.25 15.61 -10.50
C HIS B 17 -17.49 15.11 -11.24
N PRO B 18 -18.50 14.64 -10.49
CA PRO B 18 -19.71 14.15 -11.12
C PRO B 18 -20.58 15.27 -11.65
N LYS B 19 -21.32 14.97 -12.71
CA LYS B 19 -22.38 15.85 -13.20
C LYS B 19 -23.71 15.17 -12.82
N ILE B 20 -24.80 15.93 -12.84
CA ILE B 20 -26.12 15.39 -12.52
C ILE B 20 -26.50 14.22 -13.45
N GLU B 21 -26.03 14.30 -14.69
CA GLU B 21 -26.28 13.28 -15.70
CA GLU B 21 -26.28 13.29 -15.71
C GLU B 21 -25.66 11.92 -15.35
N ASP B 22 -24.84 11.88 -14.30
CA ASP B 22 -24.19 10.62 -13.89
C ASP B 22 -25.02 9.78 -12.92
N LEU B 23 -26.11 10.35 -12.42
CA LEU B 23 -26.91 9.71 -11.39
C LEU B 23 -27.24 8.22 -11.62
N ARG B 24 -27.69 7.89 -12.83
CA ARG B 24 -28.08 6.51 -13.14
C ARG B 24 -26.90 5.53 -13.14
N ASP B 25 -25.76 5.96 -13.68
CA ASP B 25 -24.55 5.13 -13.68
C ASP B 25 -24.04 4.88 -12.27
N LEU B 26 -24.10 5.92 -11.44
CA LEU B 26 -23.67 5.84 -10.05
C LEU B 26 -24.62 4.99 -9.20
N ILE B 27 -25.91 5.01 -9.53
CA ILE B 27 -26.88 4.12 -8.88
C ILE B 27 -26.57 2.66 -9.25
N ALA B 28 -26.23 2.44 -10.51
CA ALA B 28 -25.84 1.12 -10.99
C ALA B 28 -24.57 0.65 -10.29
N LEU B 29 -23.59 1.54 -10.18
CA LEU B 29 -22.33 1.23 -9.53
C LEU B 29 -22.57 0.82 -8.07
N GLU B 30 -23.53 1.47 -7.41
CA GLU B 30 -23.91 1.16 -6.04
C GLU B 30 -24.47 -0.27 -5.88
N THR B 31 -25.35 -0.69 -6.79
CA THR B 31 -25.96 -2.03 -6.76
C THR B 31 -24.91 -3.13 -6.90
N LEU B 32 -23.94 -2.90 -7.78
CA LEU B 32 -22.89 -3.87 -8.04
C LEU B 32 -21.84 -3.96 -6.93
N CYS B 33 -21.61 -2.88 -6.19
CA CYS B 33 -20.52 -2.83 -5.22
C CYS B 33 -20.86 -3.34 -3.83
N TRP B 34 -22.12 -3.16 -3.43
CA TRP B 34 -22.57 -3.51 -2.09
C TRP B 34 -23.86 -4.32 -2.13
N SER B 35 -24.09 -5.12 -1.11
CA SER B 35 -25.34 -5.87 -0.98
C SER B 35 -26.46 -4.90 -0.64
N GLU B 36 -27.71 -5.35 -0.78
CA GLU B 36 -28.88 -4.51 -0.52
C GLU B 36 -28.80 -3.74 0.81
N ASN B 37 -28.42 -4.44 1.86
CA ASN B 37 -28.33 -3.88 3.21
C ASN B 37 -27.38 -2.70 3.39
N LEU B 38 -26.42 -2.55 2.49
CA LEU B 38 -25.34 -1.60 2.68
C LEU B 38 -25.30 -0.50 1.64
N GLN B 39 -26.26 -0.52 0.71
CA GLN B 39 -26.38 0.49 -0.34
C GLN B 39 -27.05 1.75 0.18
N VAL B 40 -26.43 2.90 -0.08
CA VAL B 40 -27.15 4.17 0.10
C VAL B 40 -28.22 4.28 -0.99
N ASP B 41 -29.32 4.98 -0.70
CA ASP B 41 -30.40 5.11 -1.67
C ASP B 41 -30.19 6.27 -2.67
N ASN B 42 -30.99 6.27 -3.74
CA ASN B 42 -30.84 7.20 -4.87
C ASN B 42 -30.82 8.66 -4.49
N GLU B 43 -31.64 9.04 -3.51
CA GLU B 43 -31.72 10.42 -3.04
C GLU B 43 -30.42 10.86 -2.37
N GLU B 44 -29.73 9.92 -1.74
CA GLU B 44 -28.46 10.24 -1.10
C GLU B 44 -27.33 10.42 -2.11
N ILE B 45 -27.30 9.60 -3.15
CA ILE B 45 -26.33 9.78 -4.23
C ILE B 45 -26.53 11.17 -4.84
N TYR B 46 -27.80 11.52 -5.08
CA TYR B 46 -28.14 12.80 -5.69
C TYR B 46 -27.72 14.00 -4.84
N ARG B 47 -27.99 13.95 -3.53
CA ARG B 47 -27.59 15.04 -2.64
C ARG B 47 -26.11 15.31 -2.78
N ARG B 48 -25.32 14.23 -2.77
CA ARG B 48 -23.87 14.33 -2.85
C ARG B 48 -23.39 15.03 -4.12
N ILE B 49 -23.97 14.69 -5.25
CA ILE B 49 -23.53 15.23 -6.54
C ILE B 49 -24.15 16.58 -6.91
N PHE B 50 -25.33 16.88 -6.37
CA PHE B 50 -25.97 18.17 -6.60
C PHE B 50 -25.53 19.24 -5.60
N LYS B 51 -25.44 18.86 -4.33
CA LYS B 51 -25.15 19.82 -3.27
C LYS B 51 -23.65 19.96 -3.00
N ILE B 52 -22.89 18.87 -3.14
CA ILE B 52 -21.46 18.88 -2.81
C ILE B 52 -20.60 18.28 -3.95
N PRO B 53 -20.74 18.81 -5.19
CA PRO B 53 -20.00 18.15 -6.26
C PRO B 53 -18.47 18.28 -6.11
N GLN B 54 -18.05 19.30 -5.36
CA GLN B 54 -16.63 19.55 -5.06
C GLN B 54 -16.00 18.43 -4.23
N GLY B 55 -16.83 17.63 -3.57
CA GLY B 55 -16.34 16.61 -2.67
C GLY B 55 -16.54 15.18 -3.14
N GLN B 56 -16.89 15.00 -4.42
CA GLN B 56 -17.03 13.66 -5.00
C GLN B 56 -16.16 13.52 -6.24
N PHE B 57 -15.68 12.30 -6.48
CA PHE B 57 -14.89 12.02 -7.68
C PHE B 57 -15.33 10.73 -8.34
N ILE B 58 -15.33 10.76 -9.68
CA ILE B 58 -15.78 9.65 -10.49
C ILE B 58 -14.58 9.11 -11.25
N LEU B 59 -14.41 7.79 -11.18
CA LEU B 59 -13.33 7.13 -11.92
C LEU B 59 -13.89 6.49 -13.18
N GLU B 60 -13.33 6.87 -14.33
CA GLU B 60 -13.79 6.35 -15.61
C GLU B 60 -12.74 5.46 -16.27
N LEU B 61 -13.21 4.46 -17.03
CA LEU B 61 -12.37 3.62 -17.86
C LEU B 61 -13.05 3.49 -19.22
N GLU B 62 -12.48 4.21 -20.21
CA GLU B 62 -13.18 4.58 -21.45
C GLU B 62 -14.35 5.52 -21.12
N ASP B 63 -15.54 5.24 -21.65
CA ASP B 63 -16.72 6.05 -21.35
C ASP B 63 -17.35 5.63 -20.02
N LYS B 64 -16.89 4.49 -19.50
CA LYS B 64 -17.57 3.72 -18.45
C LYS B 64 -17.09 4.08 -17.03
N ILE B 65 -18.06 4.32 -16.15
CA ILE B 65 -17.77 4.61 -14.75
C ILE B 65 -17.48 3.32 -13.99
N VAL B 66 -16.29 3.24 -13.38
CA VAL B 66 -15.81 2.01 -12.76
C VAL B 66 -15.55 2.15 -11.26
N GLY B 67 -15.58 3.40 -10.79
CA GLY B 67 -15.38 3.68 -9.38
C GLY B 67 -15.86 5.06 -8.99
N ALA B 68 -15.94 5.29 -7.68
CA ALA B 68 -16.34 6.59 -7.15
C ALA B 68 -15.94 6.73 -5.71
N ILE B 69 -15.60 7.95 -5.32
CA ILE B 69 -15.28 8.24 -3.94
C ILE B 69 -16.12 9.43 -3.52
N TYR B 70 -16.76 9.33 -2.36
CA TYR B 70 -17.71 10.33 -1.90
C TYR B 70 -17.32 10.92 -0.56
N SER B 71 -17.69 12.18 -0.32
CA SER B 71 -17.43 12.84 0.96
C SER B 71 -18.39 14.01 1.26
N GLN B 72 -18.34 14.47 2.51
CA GLN B 72 -18.97 15.70 2.92
C GLN B 72 -18.08 16.35 3.98
N ARG B 73 -18.47 17.54 4.44
CA ARG B 73 -17.70 18.25 5.45
C ARG B 73 -18.51 18.46 6.72
N ILE B 74 -17.90 18.19 7.88
CA ILE B 74 -18.55 18.35 9.17
C ILE B 74 -17.69 19.17 10.14
N ASP B 75 -18.27 19.60 11.26
CA ASP B 75 -17.55 20.45 12.24
C ASP B 75 -16.57 19.71 13.13
N ASN B 76 -16.97 18.52 13.59
CA ASN B 76 -16.14 17.70 14.49
CA ASN B 76 -16.22 17.74 14.58
C ASN B 76 -16.59 16.26 14.48
N PRO B 77 -15.62 15.32 14.67
CA PRO B 77 -15.98 13.90 14.61
C PRO B 77 -16.92 13.44 15.73
N GLN B 78 -16.90 14.14 16.86
CA GLN B 78 -17.79 13.83 17.97
C GLN B 78 -19.28 13.79 17.57
N LEU B 79 -19.66 14.69 16.66
CA LEU B 79 -21.03 14.75 16.15
C LEU B 79 -21.53 13.43 15.56
N LEU B 80 -20.60 12.54 15.22
CA LEU B 80 -20.95 11.22 14.70
C LEU B 80 -21.43 10.25 15.79
N ASP B 81 -21.09 10.52 17.05
CA ASP B 81 -21.49 9.67 18.17
C ASP B 81 -23.00 9.51 18.22
N ASN B 82 -23.43 8.25 18.23
CA ASN B 82 -24.85 7.89 18.39
C ASN B 82 -25.75 8.34 17.22
N LYS B 83 -25.16 8.47 16.05
CA LYS B 83 -25.91 8.72 14.83
C LYS B 83 -26.03 7.44 14.00
N THR B 84 -27.17 7.24 13.36
CA THR B 84 -27.26 6.23 12.32
C THR B 84 -26.79 6.88 11.03
N CYS B 85 -26.39 6.07 10.06
CA CYS B 85 -25.85 6.59 8.80
C CYS B 85 -26.85 7.46 8.03
N THR B 86 -28.14 7.29 8.28
CA THR B 86 -29.13 8.15 7.62
C THR B 86 -29.32 9.50 8.33
N GLN B 87 -28.82 9.61 9.55
CA GLN B 87 -28.85 10.87 10.28
C GLN B 87 -27.62 11.74 10.00
N VAL B 88 -26.68 11.19 9.24
CA VAL B 88 -25.38 11.82 9.00
C VAL B 88 -25.38 13.00 7.99
N PRO B 89 -26.20 12.91 6.91
CA PRO B 89 -26.40 14.03 5.99
C PRO B 89 -26.67 15.39 6.63
N LEU B 90 -27.40 15.43 7.75
CA LEU B 90 -27.68 16.67 8.45
C LEU B 90 -26.44 17.41 8.94
N LEU B 91 -25.36 16.65 9.15
CA LEU B 91 -24.13 17.19 9.68
C LEU B 91 -23.35 17.99 8.65
N HIS B 92 -23.71 17.88 7.38
CA HIS B 92 -22.96 18.60 6.36
C HIS B 92 -23.04 20.09 6.55
N THR B 93 -21.86 20.71 6.59
CA THR B 93 -21.77 22.16 6.54
C THR B 93 -20.67 22.53 5.53
N GLU B 94 -21.02 23.42 4.62
CA GLU B 94 -20.13 23.83 3.53
C GLU B 94 -18.70 24.22 3.97
N SER B 95 -18.53 24.68 5.21
CA SER B 95 -17.21 25.17 5.65
C SER B 95 -16.61 24.38 6.83
N GLY B 96 -17.18 23.22 7.14
CA GLY B 96 -16.66 22.37 8.20
C GLY B 96 -15.19 22.02 8.02
N VAL B 97 -14.45 22.00 9.12
CA VAL B 97 -13.01 21.76 9.09
C VAL B 97 -12.62 20.27 8.93
N VAL B 98 -13.62 19.39 8.95
CA VAL B 98 -13.38 17.97 8.87
C VAL B 98 -14.05 17.37 7.64
N VAL B 99 -13.28 16.66 6.82
CA VAL B 99 -13.84 15.93 5.68
C VAL B 99 -14.22 14.52 6.11
N GLN B 100 -15.50 14.20 6.01
CA GLN B 100 -15.93 12.84 6.26
C GLN B 100 -15.96 12.14 4.92
N LEU B 101 -15.11 11.13 4.75
CA LEU B 101 -15.22 10.25 3.60
C LEU B 101 -16.43 9.37 3.83
N LEU B 102 -17.34 9.35 2.86
CA LEU B 102 -18.62 8.66 3.01
C LEU B 102 -18.62 7.26 2.44
N ALA B 103 -17.95 7.07 1.30
CA ALA B 103 -17.83 5.75 0.64
C ALA B 103 -16.75 5.68 -0.45
N VAL B 104 -16.29 4.46 -0.73
CA VAL B 104 -15.51 4.17 -1.94
C VAL B 104 -16.22 3.03 -2.65
N ASN B 105 -16.41 3.19 -3.95
CA ASN B 105 -16.95 2.13 -4.78
C ASN B 105 -15.93 1.80 -5.85
N ILE B 106 -15.62 0.52 -5.99
CA ILE B 106 -14.80 0.02 -7.10
C ILE B 106 -15.49 -1.23 -7.63
N LEU B 107 -15.81 -1.22 -8.93
CA LEU B 107 -16.45 -2.39 -9.57
C LEU B 107 -15.72 -3.67 -9.18
N PRO B 108 -16.47 -4.66 -8.66
CA PRO B 108 -15.89 -5.91 -8.16
C PRO B 108 -14.93 -6.58 -9.13
N GLU B 109 -15.29 -6.65 -10.41
CA GLU B 109 -14.42 -7.27 -11.42
C GLU B 109 -13.04 -6.61 -11.50
N LEU B 110 -12.97 -5.32 -11.16
CA LEU B 110 -11.74 -4.54 -11.21
C LEU B 110 -11.07 -4.37 -9.83
N GLN B 111 -11.47 -5.18 -8.86
CA GLN B 111 -10.87 -5.12 -7.53
C GLN B 111 -9.55 -5.88 -7.46
N ASN B 112 -8.77 -5.59 -6.42
CA ASN B 112 -7.45 -6.18 -6.19
C ASN B 112 -6.42 -5.86 -7.29
N GLN B 113 -6.52 -4.66 -7.86
CA GLN B 113 -5.60 -4.16 -8.90
C GLN B 113 -4.94 -2.83 -8.51
N GLY B 114 -5.17 -2.39 -7.27
CA GLY B 114 -4.59 -1.15 -6.80
C GLY B 114 -5.46 0.07 -7.03
N LEU B 115 -6.70 -0.14 -7.48
CA LEU B 115 -7.57 0.99 -7.83
C LEU B 115 -8.02 1.75 -6.60
N GLY B 116 -8.58 1.02 -5.64
CA GLY B 116 -8.94 1.59 -4.35
C GLY B 116 -7.78 2.38 -3.75
N ASP B 117 -6.59 1.78 -3.76
CA ASP B 117 -5.39 2.44 -3.25
C ASP B 117 -5.18 3.80 -3.91
N ARG B 118 -5.08 3.82 -5.25
CA ARG B 118 -4.82 5.06 -5.98
C ARG B 118 -5.91 6.09 -5.72
N LEU B 119 -7.15 5.60 -5.68
CA LEU B 119 -8.29 6.47 -5.46
C LEU B 119 -8.29 7.12 -4.08
N LEU B 120 -8.05 6.34 -3.04
CA LEU B 120 -7.97 6.91 -1.69
C LEU B 120 -6.79 7.86 -1.54
N GLU B 121 -5.65 7.50 -2.12
CA GLU B 121 -4.45 8.35 -2.03
C GLU B 121 -4.68 9.72 -2.63
N PHE B 122 -5.41 9.76 -3.74
CA PHE B 122 -5.73 11.02 -4.40
C PHE B 122 -6.67 11.86 -3.54
N MET B 123 -7.70 11.24 -2.99
CA MET B 123 -8.66 11.94 -2.16
C MET B 123 -7.99 12.65 -0.99
N LEU B 124 -7.15 11.92 -0.27
CA LEU B 124 -6.36 12.47 0.84
C LEU B 124 -5.50 13.65 0.40
N GLN B 125 -4.81 13.50 -0.72
CA GLN B 125 -3.98 14.57 -1.25
C GLN B 125 -4.82 15.79 -1.61
N TYR B 126 -5.96 15.54 -2.26
CA TYR B 126 -6.88 16.61 -2.65
C TYR B 126 -7.42 17.34 -1.43
N CYS B 127 -7.91 16.59 -0.45
CA CYS B 127 -8.36 17.14 0.84
C CYS B 127 -7.29 18.02 1.50
N ALA B 128 -6.07 17.51 1.59
CA ALA B 128 -4.96 18.29 2.14
C ALA B 128 -4.84 19.69 1.52
N GLN B 129 -5.27 19.84 0.27
CA GLN B 129 -5.14 21.11 -0.45
C GLN B 129 -6.35 22.05 -0.30
N ILE B 130 -7.41 21.58 0.33
CA ILE B 130 -8.59 22.43 0.55
C ILE B 130 -8.38 23.40 1.73
N SER B 131 -8.56 24.69 1.44
CA SER B 131 -8.49 25.76 2.45
C SER B 131 -9.42 25.52 3.64
N GLY B 132 -8.84 25.57 4.84
CA GLY B 132 -9.62 25.46 6.08
C GLY B 132 -10.07 24.06 6.43
N VAL B 133 -9.40 23.04 5.88
CA VAL B 133 -9.62 21.66 6.27
C VAL B 133 -8.44 21.16 7.10
N GLU B 134 -8.73 20.57 8.25
CA GLU B 134 -7.69 20.19 9.21
C GLU B 134 -7.54 18.68 9.44
N LYS B 135 -8.62 17.94 9.23
CA LYS B 135 -8.65 16.52 9.54
C LYS B 135 -9.61 15.80 8.58
N VAL B 136 -9.36 14.53 8.30
CA VAL B 136 -10.34 13.72 7.58
C VAL B 136 -10.67 12.43 8.31
N VAL B 137 -11.96 12.06 8.31
CA VAL B 137 -12.44 10.85 8.98
C VAL B 137 -13.26 9.99 8.03
N ALA B 138 -13.46 8.74 8.44
CA ALA B 138 -14.29 7.81 7.71
C ALA B 138 -14.88 6.82 8.67
N VAL B 139 -16.16 6.54 8.49
CA VAL B 139 -16.82 5.49 9.26
C VAL B 139 -16.82 4.27 8.37
N THR B 140 -15.92 3.35 8.67
CA THR B 140 -15.80 2.15 7.86
C THR B 140 -16.56 0.98 8.52
N LEU B 141 -16.18 -0.24 8.15
CA LEU B 141 -16.86 -1.42 8.62
C LEU B 141 -15.95 -2.60 8.34
N CYS B 142 -16.21 -3.70 9.04
CA CYS B 142 -15.48 -4.94 8.90
C CYS B 142 -16.09 -5.85 7.86
N ARG B 143 -15.34 -6.89 7.50
CA ARG B 143 -15.81 -7.91 6.58
C ARG B 143 -15.68 -9.32 7.13
N ASN B 144 -14.69 -9.58 7.98
CA ASN B 144 -14.47 -10.97 8.44
C ASN B 144 -14.82 -11.22 9.90
N TYR B 145 -15.54 -10.28 10.51
CA TYR B 145 -15.84 -10.37 11.94
C TYR B 145 -16.53 -11.68 12.38
N PRO B 146 -17.53 -12.18 11.61
CA PRO B 146 -18.13 -13.46 12.03
C PRO B 146 -17.12 -14.60 12.18
N ASP B 147 -16.02 -14.55 11.45
CA ASP B 147 -14.99 -15.59 11.54
C ASP B 147 -14.26 -15.62 12.89
N TYR B 148 -14.43 -14.56 13.68
CA TYR B 148 -13.68 -14.41 14.93
C TYR B 148 -14.54 -14.47 16.19
N SER B 149 -15.83 -14.74 16.04
CA SER B 149 -16.74 -14.82 17.19
C SER B 149 -16.31 -15.95 18.15
N PRO B 150 -16.58 -15.78 19.46
CA PRO B 150 -17.34 -14.71 20.10
C PRO B 150 -16.54 -13.46 20.51
N MET B 151 -15.40 -13.22 19.87
CA MET B 151 -14.60 -12.04 20.16
CA MET B 151 -14.60 -12.03 20.18
C MET B 151 -15.44 -10.75 20.07
N PRO B 152 -15.40 -9.91 21.13
CA PRO B 152 -16.10 -8.65 21.04
C PRO B 152 -15.56 -7.83 19.88
N MET B 153 -16.43 -7.07 19.24
CA MET B 153 -16.06 -6.23 18.12
C MET B 153 -15.02 -5.19 18.56
N ALA B 154 -15.10 -4.77 19.82
CA ALA B 154 -14.18 -3.77 20.34
C ALA B 154 -12.71 -4.21 20.31
N GLU B 155 -12.48 -5.52 20.46
CA GLU B 155 -11.15 -6.10 20.36
C GLU B 155 -10.78 -6.49 18.93
N TYR B 156 -11.77 -6.94 18.16
CA TYR B 156 -11.53 -7.36 16.78
C TYR B 156 -10.94 -6.25 15.92
N ILE B 157 -11.38 -5.01 16.15
CA ILE B 157 -10.89 -3.89 15.35
C ILE B 157 -9.42 -3.59 15.60
N HIS B 158 -8.82 -4.27 16.57
CA HIS B 158 -7.40 -4.12 16.86
C HIS B 158 -6.57 -5.39 16.62
N GLN B 159 -7.24 -6.44 16.15
CA GLN B 159 -6.58 -7.71 15.85
C GLN B 159 -5.59 -7.60 14.68
N LYS B 160 -4.33 -7.89 14.96
CA LYS B 160 -3.23 -7.79 13.98
C LYS B 160 -2.66 -9.18 13.69
N ASN B 161 -2.01 -9.33 12.53
CA ASN B 161 -1.26 -10.56 12.27
C ASN B 161 0.23 -10.37 12.57
N GLU B 162 1.06 -11.31 12.13
CA GLU B 162 2.51 -11.28 12.41
C GLU B 162 3.23 -10.00 11.93
N SER B 163 2.90 -9.54 10.73
CA SER B 163 3.48 -8.31 10.20
CA SER B 163 3.43 -8.30 10.16
C SER B 163 3.02 -7.08 11.00
N GLY B 164 2.13 -7.29 11.97
CA GLY B 164 1.57 -6.19 12.75
C GLY B 164 0.51 -5.40 12.01
N LEU B 165 0.03 -5.98 10.91
CA LEU B 165 -1.04 -5.45 10.07
C LEU B 165 -2.40 -6.01 10.49
N LEU B 166 -3.45 -5.19 10.40
CA LEU B 166 -4.79 -5.59 10.84
C LEU B 166 -5.38 -6.74 10.02
N VAL B 167 -5.98 -7.72 10.70
CA VAL B 167 -6.45 -8.94 10.02
C VAL B 167 -7.68 -8.73 9.14
N ASP B 168 -8.52 -7.76 9.51
CA ASP B 168 -9.68 -7.43 8.69
C ASP B 168 -9.27 -6.62 7.46
N PRO B 169 -9.59 -7.13 6.25
CA PRO B 169 -9.18 -6.49 5.01
C PRO B 169 -9.67 -5.05 4.83
N LEU B 170 -10.86 -4.72 5.33
CA LEU B 170 -11.40 -3.38 5.18
C LEU B 170 -10.71 -2.38 6.11
N LEU B 171 -10.33 -2.85 7.30
CA LEU B 171 -9.60 -2.03 8.25
C LEU B 171 -8.13 -1.90 7.83
N ARG B 172 -7.54 -2.99 7.35
CA ARG B 172 -6.17 -2.98 6.82
C ARG B 172 -6.03 -1.93 5.71
N PHE B 173 -7.04 -1.84 4.86
CA PHE B 173 -7.05 -0.88 3.76
C PHE B 173 -6.78 0.53 4.23
N HIS B 174 -7.42 0.90 5.33
CA HIS B 174 -7.26 2.23 5.87
C HIS B 174 -5.89 2.33 6.54
N GLN B 175 -5.60 1.34 7.39
CA GLN B 175 -4.32 1.28 8.10
C GLN B 175 -3.10 1.54 7.19
N ILE B 176 -3.00 0.81 6.08
CA ILE B 176 -1.81 0.93 5.21
C ILE B 176 -1.72 2.27 4.49
N HIS B 177 -2.78 3.08 4.62
CA HIS B 177 -2.77 4.46 4.10
C HIS B 177 -2.58 5.52 5.18
N GLY B 178 -2.28 5.08 6.39
CA GLY B 178 -1.97 5.99 7.49
C GLY B 178 -3.08 6.20 8.49
N ALA B 179 -4.22 5.53 8.30
CA ALA B 179 -5.39 5.70 9.17
C ALA B 179 -5.13 5.26 10.60
N LYS B 180 -5.77 5.95 11.54
CA LYS B 180 -5.76 5.57 12.95
C LYS B 180 -7.17 5.09 13.32
N ILE B 181 -7.27 3.87 13.86
CA ILE B 181 -8.56 3.34 14.31
C ILE B 181 -8.99 4.02 15.61
N GLU B 182 -10.04 4.83 15.55
CA GLU B 182 -10.42 5.67 16.68
C GLU B 182 -11.37 4.95 17.66
N LYS B 183 -12.52 4.49 17.17
CA LYS B 183 -13.49 3.78 18.02
C LYS B 183 -14.61 3.13 17.24
N LEU B 184 -15.37 2.29 17.93
CA LEU B 184 -16.60 1.75 17.38
C LEU B 184 -17.67 2.82 17.40
N LEU B 185 -18.51 2.81 16.37
CA LEU B 185 -19.71 3.62 16.39
C LEU B 185 -20.90 2.68 16.30
N PRO B 186 -21.35 2.14 17.44
CA PRO B 186 -22.48 1.21 17.47
C PRO B 186 -23.78 1.87 17.00
N GLY B 187 -24.55 1.15 16.19
CA GLY B 187 -25.84 1.60 15.72
C GLY B 187 -25.77 2.41 14.44
N TYR B 188 -24.56 2.60 13.95
CA TYR B 188 -24.33 3.40 12.75
C TYR B 188 -25.04 2.79 11.53
N ARG B 189 -25.09 1.46 11.44
CA ARG B 189 -25.75 0.78 10.34
C ARG B 189 -26.76 -0.26 10.82
N PRO B 190 -28.01 0.18 11.08
CA PRO B 190 -29.04 -0.74 11.56
C PRO B 190 -29.25 -2.02 10.71
N LYS B 191 -28.83 -2.02 9.45
CA LYS B 191 -29.15 -3.14 8.57
C LYS B 191 -27.99 -4.14 8.44
N ASP B 192 -26.85 -3.76 9.00
CA ASP B 192 -25.63 -4.56 8.96
C ASP B 192 -25.52 -5.44 10.22
N TRP B 193 -26.20 -6.59 10.18
CA TRP B 193 -26.29 -7.48 11.33
C TRP B 193 -25.01 -8.28 11.56
N GLU B 194 -24.21 -8.47 10.51
CA GLU B 194 -22.97 -9.22 10.63
C GLU B 194 -21.95 -8.46 11.45
N ASN B 195 -22.00 -7.14 11.37
CA ASN B 195 -21.18 -6.28 12.19
C ASN B 195 -21.91 -5.77 13.42
N GLN B 196 -23.02 -6.42 13.74
CA GLN B 196 -23.87 -6.01 14.87
C GLN B 196 -24.16 -4.52 14.81
N THR B 197 -24.40 -4.03 13.59
CA THR B 197 -24.74 -2.63 13.30
C THR B 197 -23.67 -1.57 13.59
N CYS B 198 -22.43 -1.99 13.85
CA CYS B 198 -21.34 -1.07 14.18
C CYS B 198 -20.54 -0.53 13.02
N GLY B 199 -20.30 0.77 13.04
CA GLY B 199 -19.27 1.36 12.19
C GLY B 199 -17.97 1.41 12.96
N VAL B 200 -16.89 1.71 12.26
CA VAL B 200 -15.59 1.86 12.90
C VAL B 200 -15.08 3.22 12.44
N LEU B 201 -14.88 4.13 13.39
CA LEU B 201 -14.35 5.43 13.04
C LEU B 201 -12.82 5.35 12.85
N VAL B 202 -12.33 5.87 11.72
CA VAL B 202 -10.89 5.96 11.47
C VAL B 202 -10.56 7.42 11.16
N SER B 203 -9.32 7.83 11.37
CA SER B 203 -8.90 9.20 11.09
C SER B 203 -7.54 9.27 10.39
N TYR B 204 -7.33 10.33 9.63
CA TYR B 204 -6.08 10.56 8.92
C TYR B 204 -5.51 11.91 9.33
N ASP B 205 -4.29 11.88 9.87
CA ASP B 205 -3.56 13.10 10.12
C ASP B 205 -3.06 13.54 8.77
N ILE B 206 -3.58 14.66 8.28
CA ILE B 206 -3.25 15.15 6.94
C ILE B 206 -2.24 16.30 6.93
N GLN B 207 -1.55 16.51 8.05
CA GLN B 207 -0.63 17.64 8.21
C GLN B 207 0.63 17.51 7.35
N HIS B 208 1.05 16.27 7.09
CA HIS B 208 2.27 16.02 6.30
C HIS B 208 2.09 16.17 4.78
N ARG B 209 0.85 16.02 4.30
CA ARG B 209 0.53 16.23 2.88
C ARG B 209 0.25 17.70 2.59
#